data_7C1R
#
_entry.id   7C1R
#
_cell.length_a   52.767
_cell.length_b   72.091
_cell.length_c   108.275
_cell.angle_alpha   90.000
_cell.angle_beta   90.000
_cell.angle_gamma   90.000
#
_symmetry.space_group_name_H-M   'P 21 21 21'
#
loop_
_entity.id
_entity.type
_entity.pdbx_description
1 polymer 'Non-ribosomal peptide synthetase modules'
2 non-polymer 'OCTANOYL-COENZYME A'
3 non-polymer 2-AMINO-2-HYDROXYMETHYL-PROPANE-1,3-DIOL
4 water water
#
_entity_poly.entity_id   1
_entity_poly.type   'polypeptide(L)'
_entity_poly.pdbx_seq_one_letter_code
;GSHMDASVMSTTYALSAAQTEIWLAQQLYPDSPVYNIAQYTVIEGVIEPAVFEAALRQVIDEADTLRLQFIDSDDGLRQR
IGTPAWSMPVLDLTAQADPQAAAQAWMRADYQQPVNLTQGPLFCYALLKVAPAQWMWYQRYHVIMMDGYGAYLIAQRVAY
VYSALCEGTTPAECDFGSILQLLESDAQYQISAQRAQDEAYWLKHCANWSEPATLASRSAPVLQQRLRQTTYLAIQALGD
TAPDARRLAQFMTAAMAAYLYRFTGEQDVVLGLPVKVRFGADRHIPGMKSNTLPLRLTMRPGMNLSSLMQQAAQEMQSGL
RHQRYPSEALRRQLGMPSGQRLFGTTVNVMPFDLDLSFGGYSATNHNLLNGPAEDLMLGVYWTPGSHQLRIDFDANPACY
TPEGLGAHQRRFIRFMQVLAADATQPIDSIDLLD
;
_entity_poly.pdbx_strand_id   A
#
loop_
_chem_comp.id
_chem_comp.type
_chem_comp.name
_chem_comp.formula
CO8 non-polymer 'OCTANOYL-COENZYME A' 'C29 H50 N7 O17 P3 S'
TRS non-polymer 2-AMINO-2-HYDROXYMETHYL-PROPANE-1,3-DIOL 'C4 H12 N O3 1'
#
# COMPACT_ATOMS: atom_id res chain seq x y z
N SER A 2 10.80 -37.79 7.74
CA SER A 2 11.25 -37.84 6.34
C SER A 2 12.31 -36.78 6.06
N HIS A 3 13.32 -37.19 5.29
CA HIS A 3 14.44 -36.31 4.99
C HIS A 3 14.04 -35.13 4.12
N MET A 4 12.94 -35.23 3.38
CA MET A 4 12.54 -34.12 2.54
C MET A 4 12.02 -32.96 3.38
N ASP A 5 11.29 -33.26 4.47
CA ASP A 5 10.87 -32.20 5.38
C ASP A 5 12.07 -31.58 6.09
N ALA A 6 13.04 -32.41 6.49
CA ALA A 6 14.24 -31.87 7.11
C ALA A 6 14.97 -30.92 6.16
N SER A 7 15.10 -31.30 4.88
CA SER A 7 15.80 -30.46 3.92
CA SER A 7 15.81 -30.45 3.94
C SER A 7 15.06 -29.15 3.68
N VAL A 8 13.72 -29.20 3.65
CA VAL A 8 12.96 -27.97 3.48
C VAL A 8 13.28 -26.99 4.61
N MET A 9 13.26 -27.49 5.85
CA MET A 9 13.56 -26.60 6.97
C MET A 9 15.00 -26.08 6.89
N SER A 10 15.94 -26.92 6.43
CA SER A 10 17.35 -26.53 6.43
C SER A 10 17.67 -25.49 5.37
N THR A 11 16.86 -25.40 4.31
CA THR A 11 17.18 -24.59 3.14
C THR A 11 16.24 -23.39 3.00
N THR A 12 15.55 -23.03 4.07
CA THR A 12 14.56 -21.96 4.03
C THR A 12 14.73 -21.03 5.23
N TYR A 13 14.04 -19.90 5.16
CA TYR A 13 13.92 -18.92 6.23
C TYR A 13 12.48 -18.83 6.70
N ALA A 14 12.30 -18.48 7.97
CA ALA A 14 10.97 -18.16 8.48
C ALA A 14 10.43 -16.90 7.79
N LEU A 15 9.12 -16.78 7.78
CA LEU A 15 8.50 -15.52 7.39
C LEU A 15 8.83 -14.43 8.39
N SER A 16 8.90 -13.19 7.92
CA SER A 16 8.99 -12.10 8.86
C SER A 16 7.66 -11.93 9.59
N ALA A 17 7.63 -11.06 10.59
CA ALA A 17 6.39 -10.83 11.33
C ALA A 17 5.27 -10.32 10.43
N ALA A 18 5.59 -9.33 9.59
CA ALA A 18 4.60 -8.77 8.66
C ALA A 18 4.10 -9.85 7.71
N GLN A 19 5.03 -10.64 7.15
CA GLN A 19 4.65 -11.71 6.24
C GLN A 19 3.77 -12.73 6.94
N THR A 20 4.08 -13.05 8.20
CA THR A 20 3.25 -14.00 8.91
C THR A 20 1.83 -13.48 9.05
N GLU A 21 1.65 -12.19 9.36
CA GLU A 21 0.28 -11.69 9.49
C GLU A 21 -0.45 -11.76 8.15
N ILE A 22 0.26 -11.50 7.06
CA ILE A 22 -0.36 -11.64 5.75
C ILE A 22 -0.73 -13.09 5.49
N TRP A 23 0.17 -14.02 5.81
CA TRP A 23 -0.11 -15.43 5.53
C TRP A 23 -1.33 -15.91 6.31
N LEU A 24 -1.44 -15.52 7.58
CA LEU A 24 -2.58 -15.97 8.39
C LEU A 24 -3.90 -15.41 7.86
N ALA A 25 -3.90 -14.10 7.53
CA ALA A 25 -5.10 -13.48 6.97
C ALA A 25 -5.49 -14.13 5.64
N GLN A 26 -4.50 -14.41 4.78
CA GLN A 26 -4.79 -15.03 3.47
C GLN A 26 -5.32 -16.44 3.64
N GLN A 27 -4.82 -17.16 4.65
CA GLN A 27 -5.29 -18.52 4.92
C GLN A 27 -6.78 -18.55 5.27
N LEU A 28 -7.29 -17.51 5.93
CA LEU A 28 -8.73 -17.49 6.21
C LEU A 28 -9.57 -17.55 4.92
N TYR A 29 -9.11 -16.93 3.84
CA TYR A 29 -9.84 -16.94 2.56
C TYR A 29 -8.85 -17.22 1.45
N PRO A 30 -8.46 -18.48 1.27
CA PRO A 30 -7.43 -18.80 0.27
C PRO A 30 -7.87 -18.53 -1.16
N ASP A 31 -9.14 -18.16 -1.41
CA ASP A 31 -9.59 -17.76 -2.74
C ASP A 31 -9.81 -16.26 -2.90
N SER A 32 -9.67 -15.48 -1.82
CA SER A 32 -9.80 -14.02 -1.91
C SER A 32 -8.55 -13.44 -2.56
N PRO A 33 -8.69 -12.56 -3.61
CA PRO A 33 -7.50 -12.05 -4.32
C PRO A 33 -7.04 -10.72 -3.76
N VAL A 34 -7.54 -10.41 -2.57
CA VAL A 34 -7.41 -9.07 -2.02
C VAL A 34 -6.02 -8.75 -1.50
N TYR A 35 -5.10 -9.73 -1.46
CA TYR A 35 -3.73 -9.47 -1.05
C TYR A 35 -2.81 -9.14 -2.21
N ASN A 36 -3.37 -8.84 -3.38
CA ASN A 36 -2.59 -8.32 -4.48
C ASN A 36 -2.47 -6.80 -4.38
N ILE A 37 -1.32 -6.28 -4.77
CA ILE A 37 -1.18 -4.87 -5.13
C ILE A 37 -0.84 -4.84 -6.61
N ALA A 38 -1.25 -3.78 -7.30
CA ALA A 38 -0.99 -3.73 -8.73
C ALA A 38 -1.01 -2.27 -9.16
N GLN A 39 -0.27 -1.98 -10.21
CA GLN A 39 -0.27 -0.64 -10.80
C GLN A 39 0.13 -0.78 -12.26
N TYR A 40 -0.10 0.30 -13.01
CA TYR A 40 0.48 0.34 -14.35
C TYR A 40 1.15 1.67 -14.56
N THR A 41 2.20 1.62 -15.38
CA THR A 41 2.95 2.80 -15.78
C THR A 41 2.64 3.08 -17.25
N VAL A 42 2.10 4.27 -17.53
CA VAL A 42 1.80 4.70 -18.90
C VAL A 42 3.03 5.43 -19.43
N ILE A 43 3.56 4.94 -20.55
CA ILE A 43 4.74 5.51 -21.19
C ILE A 43 4.30 6.18 -22.49
N GLU A 44 4.62 7.47 -22.62
CA GLU A 44 4.30 8.24 -23.83
C GLU A 44 5.48 8.18 -24.78
N GLY A 45 5.58 7.05 -25.46
CA GLY A 45 6.65 6.89 -26.43
C GLY A 45 6.67 5.47 -26.95
N VAL A 46 7.79 5.13 -27.57
CA VAL A 46 7.99 3.80 -28.13
C VAL A 46 8.77 2.97 -27.13
N ILE A 47 8.22 1.80 -26.77
CA ILE A 47 8.94 0.80 -25.99
C ILE A 47 9.38 -0.33 -26.92
N GLU A 48 10.66 -0.77 -26.78
CA GLU A 48 11.14 -1.95 -27.48
C GLU A 48 11.03 -3.15 -26.53
N PRO A 49 10.11 -4.09 -26.76
CA PRO A 49 9.88 -5.11 -25.73
C PRO A 49 11.11 -5.95 -25.39
N ALA A 50 11.97 -6.27 -26.35
CA ALA A 50 13.11 -7.13 -26.00
C ALA A 50 14.06 -6.42 -25.04
N VAL A 51 14.21 -5.10 -25.20
CA VAL A 51 15.04 -4.32 -24.28
C VAL A 51 14.36 -4.21 -22.92
N PHE A 52 13.03 -4.01 -22.93
CA PHE A 52 12.30 -3.96 -21.67
C PHE A 52 12.45 -5.26 -20.90
N GLU A 53 12.34 -6.39 -21.60
CA GLU A 53 12.46 -7.68 -20.92
C GLU A 53 13.88 -7.86 -20.39
N ALA A 54 14.91 -7.40 -21.14
CA ALA A 54 16.26 -7.44 -20.60
C ALA A 54 16.37 -6.63 -19.31
N ALA A 55 15.72 -5.44 -19.29
CA ALA A 55 15.72 -4.63 -18.07
C ALA A 55 15.02 -5.37 -16.92
N LEU A 56 13.91 -6.04 -17.21
CA LEU A 56 13.24 -6.79 -16.15
C LEU A 56 14.10 -7.94 -15.64
N ARG A 57 14.80 -8.64 -16.53
CA ARG A 57 15.68 -9.71 -16.07
C ARG A 57 16.74 -9.17 -15.11
N GLN A 58 17.33 -8.02 -15.47
CA GLN A 58 18.32 -7.41 -14.60
C GLN A 58 17.74 -7.04 -13.23
N VAL A 59 16.53 -6.47 -13.20
CA VAL A 59 16.00 -6.05 -11.91
C VAL A 59 15.51 -7.25 -11.08
N ILE A 60 15.12 -8.34 -11.73
CA ILE A 60 14.80 -9.56 -11.00
C ILE A 60 16.07 -10.14 -10.36
N ASP A 61 17.22 -9.98 -11.02
CA ASP A 61 18.48 -10.31 -10.33
C ASP A 61 18.74 -9.37 -9.16
N GLU A 62 18.50 -8.07 -9.35
CA GLU A 62 18.92 -7.07 -8.36
C GLU A 62 18.01 -7.01 -7.13
N ALA A 63 16.73 -7.27 -7.30
CA ALA A 63 15.74 -7.20 -6.23
C ALA A 63 15.33 -8.64 -5.91
N ASP A 64 16.05 -9.28 -4.99
CA ASP A 64 15.84 -10.72 -4.85
C ASP A 64 14.53 -11.07 -4.16
N THR A 65 13.79 -10.07 -3.63
CA THR A 65 12.45 -10.41 -3.16
C THR A 65 11.60 -10.96 -4.31
N LEU A 66 11.92 -10.58 -5.56
CA LEU A 66 11.17 -11.05 -6.72
C LEU A 66 11.41 -12.52 -6.98
N ARG A 67 12.46 -13.09 -6.38
CA ARG A 67 12.79 -14.50 -6.58
C ARG A 67 12.42 -15.35 -5.37
N LEU A 68 11.77 -14.78 -4.35
CA LEU A 68 11.30 -15.56 -3.21
C LEU A 68 10.30 -16.63 -3.64
N GLN A 69 10.50 -17.82 -3.11
CA GLN A 69 9.61 -18.97 -3.27
C GLN A 69 9.16 -19.40 -1.89
N PHE A 70 7.89 -19.76 -1.76
CA PHE A 70 7.31 -20.16 -0.48
C PHE A 70 7.01 -21.65 -0.50
N ILE A 71 7.30 -22.31 0.62
CA ILE A 71 7.22 -23.75 0.77
C ILE A 71 6.50 -24.03 2.07
N ASP A 72 5.49 -24.91 2.03
CA ASP A 72 4.80 -25.30 3.26
C ASP A 72 5.73 -26.09 4.17
N SER A 73 5.53 -25.97 5.48
CA SER A 73 6.33 -26.71 6.45
C SER A 73 5.54 -26.98 7.73
N ASP A 74 6.11 -27.86 8.57
CA ASP A 74 5.54 -28.15 9.89
C ASP A 74 5.28 -26.86 10.65
N ASP A 75 6.28 -25.99 10.73
CA ASP A 75 6.18 -24.75 11.48
C ASP A 75 5.54 -23.63 10.65
N GLY A 76 4.76 -23.98 9.64
CA GLY A 76 4.14 -22.98 8.79
C GLY A 76 4.89 -22.74 7.50
N LEU A 77 4.57 -21.63 6.86
CA LEU A 77 5.16 -21.30 5.57
C LEU A 77 6.60 -20.85 5.74
N ARG A 78 7.48 -21.30 4.84
CA ARG A 78 8.87 -20.89 4.84
C ARG A 78 9.20 -20.33 3.47
N GLN A 79 10.35 -19.67 3.36
CA GLN A 79 10.68 -19.03 2.09
C GLN A 79 12.18 -19.19 1.81
N ARG A 80 12.52 -19.13 0.53
CA ARG A 80 13.91 -19.14 0.11
C ARG A 80 14.05 -18.36 -1.19
N ILE A 81 15.28 -17.97 -1.50
CA ILE A 81 15.55 -17.42 -2.82
C ILE A 81 15.50 -18.56 -3.82
N GLY A 82 14.50 -18.55 -4.69
CA GLY A 82 14.29 -19.64 -5.61
C GLY A 82 14.47 -19.24 -7.06
N THR A 83 13.81 -19.98 -7.95
CA THR A 83 13.98 -19.88 -9.40
C THR A 83 12.60 -19.77 -10.03
N PRO A 84 11.87 -18.69 -9.76
CA PRO A 84 10.47 -18.62 -10.20
C PRO A 84 10.33 -18.57 -11.70
N ALA A 85 9.30 -19.26 -12.20
CA ALA A 85 8.98 -19.25 -13.63
C ALA A 85 8.26 -17.96 -13.96
N TRP A 86 8.74 -17.23 -14.96
CA TRP A 86 8.05 -16.00 -15.34
C TRP A 86 8.25 -15.71 -16.82
N SER A 87 7.29 -14.98 -17.38
CA SER A 87 7.44 -14.44 -18.72
C SER A 87 6.80 -13.06 -18.73
N MET A 88 7.04 -12.31 -19.80
CA MET A 88 6.49 -10.97 -19.95
C MET A 88 5.55 -10.92 -21.16
N PRO A 89 4.24 -11.05 -20.95
CA PRO A 89 3.30 -10.93 -22.07
C PRO A 89 3.42 -9.58 -22.74
N VAL A 90 3.33 -9.57 -24.08
CA VAL A 90 3.30 -8.33 -24.87
C VAL A 90 2.03 -8.37 -25.71
N LEU A 91 1.08 -7.48 -25.41
CA LEU A 91 -0.19 -7.45 -26.12
C LEU A 91 -0.33 -6.13 -26.84
N ASP A 92 -0.45 -6.18 -28.16
CA ASP A 92 -0.72 -4.99 -28.95
C ASP A 92 -2.23 -4.89 -29.10
N LEU A 93 -2.83 -3.92 -28.41
CA LEU A 93 -4.27 -3.76 -28.41
C LEU A 93 -4.74 -2.62 -29.30
N THR A 94 -3.85 -2.09 -30.14
CA THR A 94 -4.13 -0.85 -30.86
C THR A 94 -5.19 -1.01 -31.94
N ALA A 95 -5.43 -2.23 -32.42
CA ALA A 95 -6.47 -2.45 -33.41
C ALA A 95 -7.86 -2.66 -32.81
N GLN A 96 -7.96 -2.82 -31.50
CA GLN A 96 -9.26 -3.04 -30.87
C GLN A 96 -10.12 -1.78 -30.92
N ALA A 97 -11.44 -1.98 -30.79
CA ALA A 97 -12.37 -0.87 -30.84
C ALA A 97 -12.11 0.13 -29.71
N ASP A 98 -11.79 -0.38 -28.52
CA ASP A 98 -11.48 0.48 -27.37
C ASP A 98 -10.21 -0.08 -26.73
N PRO A 99 -9.03 0.31 -27.25
CA PRO A 99 -7.78 -0.25 -26.72
C PRO A 99 -7.59 0.01 -25.22
N GLN A 100 -7.98 1.18 -24.75
CA GLN A 100 -7.84 1.49 -23.32
C GLN A 100 -8.68 0.54 -22.48
N ALA A 101 -9.93 0.35 -22.87
CA ALA A 101 -10.79 -0.55 -22.10
C ALA A 101 -10.25 -1.97 -22.17
N ALA A 102 -9.75 -2.39 -23.33
CA ALA A 102 -9.21 -3.74 -23.46
C ALA A 102 -8.01 -3.93 -22.56
N ALA A 103 -7.16 -2.90 -22.42
CA ALA A 103 -6.00 -3.00 -21.54
C ALA A 103 -6.44 -3.10 -20.09
N GLN A 104 -7.40 -2.27 -19.70
CA GLN A 104 -7.91 -2.36 -18.33
C GLN A 104 -8.50 -3.74 -18.06
N ALA A 105 -9.21 -4.31 -19.02
CA ALA A 105 -9.82 -5.61 -18.80
C ALA A 105 -8.76 -6.71 -18.70
N TRP A 106 -7.70 -6.62 -19.51
CA TRP A 106 -6.63 -7.61 -19.40
C TRP A 106 -5.98 -7.54 -18.01
N MET A 107 -5.68 -6.32 -17.55
CA MET A 107 -5.02 -6.19 -16.27
C MET A 107 -5.91 -6.70 -15.16
N ARG A 108 -7.19 -6.32 -15.20
CA ARG A 108 -8.15 -6.79 -14.21
C ARG A 108 -8.26 -8.31 -14.21
N ALA A 109 -8.27 -8.94 -15.39
CA ALA A 109 -8.34 -10.40 -15.40
C ALA A 109 -7.17 -10.99 -14.63
N ASP A 110 -5.99 -10.39 -14.78
CA ASP A 110 -4.84 -10.91 -14.04
C ASP A 110 -4.98 -10.66 -12.54
N TYR A 111 -5.31 -9.43 -12.14
CA TYR A 111 -5.20 -9.15 -10.70
C TYR A 111 -6.39 -9.70 -9.93
N GLN A 112 -7.39 -10.23 -10.64
CA GLN A 112 -8.43 -11.02 -9.99
C GLN A 112 -8.06 -12.50 -9.89
N GLN A 113 -6.99 -12.95 -10.55
CA GLN A 113 -6.62 -14.36 -10.48
C GLN A 113 -6.18 -14.72 -9.06
N PRO A 114 -6.57 -15.89 -8.56
CA PRO A 114 -6.04 -16.31 -7.26
C PRO A 114 -4.54 -16.54 -7.35
N VAL A 115 -3.86 -16.27 -6.25
CA VAL A 115 -2.41 -16.46 -6.19
C VAL A 115 -2.18 -17.49 -5.10
N ASN A 116 -1.77 -18.70 -5.51
CA ASN A 116 -1.32 -19.72 -4.57
C ASN A 116 0.14 -19.47 -4.25
N LEU A 117 0.45 -19.32 -2.97
CA LEU A 117 1.75 -18.80 -2.58
C LEU A 117 2.87 -19.79 -2.88
N THR A 118 2.58 -21.09 -2.84
CA THR A 118 3.61 -22.09 -3.07
C THR A 118 3.82 -22.43 -4.54
N GLN A 119 2.90 -22.05 -5.41
CA GLN A 119 3.08 -22.30 -6.83
C GLN A 119 3.40 -21.06 -7.64
N GLY A 120 2.96 -19.90 -7.18
CA GLY A 120 3.18 -18.67 -7.92
C GLY A 120 2.39 -18.70 -9.21
N PRO A 121 2.69 -17.77 -10.12
CA PRO A 121 3.70 -16.71 -9.96
C PRO A 121 3.24 -15.64 -8.97
N LEU A 122 4.18 -15.12 -8.15
CA LEU A 122 3.82 -14.10 -7.17
C LEU A 122 3.82 -12.69 -7.75
N PHE A 123 4.51 -12.46 -8.87
CA PHE A 123 4.45 -11.18 -9.57
C PHE A 123 4.05 -11.42 -11.02
N CYS A 124 3.56 -10.35 -11.66
CA CYS A 124 3.29 -10.36 -13.08
C CYS A 124 3.76 -9.05 -13.67
N TYR A 125 4.51 -9.14 -14.77
CA TYR A 125 4.87 -7.97 -15.57
C TYR A 125 4.39 -8.17 -16.99
N ALA A 126 3.79 -7.15 -17.59
CA ALA A 126 3.31 -7.26 -18.95
C ALA A 126 3.41 -5.89 -19.62
N LEU A 127 3.53 -5.90 -20.94
CA LEU A 127 3.51 -4.70 -21.77
C LEU A 127 2.25 -4.71 -22.63
N LEU A 128 1.49 -3.62 -22.58
CA LEU A 128 0.27 -3.48 -23.36
C LEU A 128 0.40 -2.23 -24.21
N LYS A 129 0.36 -2.39 -25.53
CA LYS A 129 0.37 -1.23 -26.43
C LYS A 129 -1.07 -0.79 -26.66
N VAL A 130 -1.37 0.46 -26.29
CA VAL A 130 -2.74 0.95 -26.36
C VAL A 130 -2.91 2.04 -27.38
N ALA A 131 -1.82 2.65 -27.84
CA ALA A 131 -1.92 3.56 -28.98
C ALA A 131 -0.59 3.58 -29.68
N PRO A 132 -0.51 4.21 -30.86
CA PRO A 132 0.83 4.53 -31.37
C PRO A 132 1.53 5.37 -30.32
N ALA A 133 2.74 4.94 -29.98
CA ALA A 133 3.57 5.59 -28.97
C ALA A 133 2.84 5.75 -27.64
N GLN A 134 2.02 4.76 -27.26
CA GLN A 134 1.54 4.73 -25.89
C GLN A 134 1.48 3.29 -25.41
N TRP A 135 2.29 3.02 -24.37
CA TRP A 135 2.44 1.69 -23.78
C TRP A 135 2.06 1.73 -22.31
N MET A 136 1.56 0.60 -21.81
CA MET A 136 1.39 0.39 -20.38
C MET A 136 2.30 -0.75 -19.94
N TRP A 137 3.02 -0.53 -18.85
CA TRP A 137 3.76 -1.59 -18.18
C TRP A 137 2.96 -1.94 -16.93
N TYR A 138 2.37 -3.14 -16.91
CA TYR A 138 1.55 -3.60 -15.81
C TYR A 138 2.41 -4.34 -14.80
N GLN A 139 2.20 -4.05 -13.51
CA GLN A 139 2.98 -4.64 -12.42
C GLN A 139 2.02 -5.13 -11.35
N ARG A 140 2.12 -6.40 -11.01
CA ARG A 140 1.26 -6.98 -9.97
C ARG A 140 2.13 -7.80 -9.03
N TYR A 141 1.88 -7.68 -7.73
CA TYR A 141 2.60 -8.40 -6.69
C TYR A 141 1.62 -8.93 -5.66
N HIS A 142 2.00 -10.00 -4.98
CA HIS A 142 1.33 -10.37 -3.73
C HIS A 142 2.02 -9.63 -2.59
N VAL A 143 1.24 -9.04 -1.68
CA VAL A 143 1.85 -8.24 -0.62
C VAL A 143 2.75 -9.03 0.32
N ILE A 144 2.72 -10.37 0.28
CA ILE A 144 3.66 -11.08 1.13
C ILE A 144 5.09 -10.86 0.66
N MET A 145 5.28 -10.43 -0.58
CA MET A 145 6.64 -10.16 -1.03
C MET A 145 6.87 -8.76 -1.59
N MET A 146 5.89 -7.85 -1.51
CA MET A 146 6.12 -6.49 -1.97
C MET A 146 5.14 -5.53 -1.29
N ASP A 147 5.63 -4.37 -0.88
CA ASP A 147 4.71 -3.31 -0.46
C ASP A 147 4.81 -2.12 -1.41
N GLY A 148 4.03 -1.08 -1.11
CA GLY A 148 3.97 0.08 -1.99
C GLY A 148 5.31 0.73 -2.26
N TYR A 149 6.08 1.00 -1.19
CA TYR A 149 7.38 1.63 -1.41
C TYR A 149 8.29 0.70 -2.19
N GLY A 150 8.21 -0.60 -1.94
CA GLY A 150 9.02 -1.54 -2.70
C GLY A 150 8.69 -1.51 -4.18
N ALA A 151 7.40 -1.49 -4.51
CA ALA A 151 6.99 -1.42 -5.92
C ALA A 151 7.49 -0.12 -6.55
N TYR A 152 7.49 0.96 -5.77
CA TYR A 152 8.02 2.23 -6.28
C TYR A 152 9.52 2.11 -6.59
N LEU A 153 10.27 1.46 -5.68
CA LEU A 153 11.71 1.29 -5.89
C LEU A 153 11.98 0.49 -7.16
N ILE A 154 11.19 -0.57 -7.35
CA ILE A 154 11.38 -1.41 -8.53
C ILE A 154 11.07 -0.63 -9.80
N ALA A 155 9.97 0.12 -9.82
CA ALA A 155 9.63 0.86 -11.03
C ALA A 155 10.71 1.90 -11.37
N GLN A 156 11.25 2.60 -10.34
CA GLN A 156 12.35 3.52 -10.56
C GLN A 156 13.56 2.80 -11.18
N ARG A 157 13.90 1.63 -10.63
CA ARG A 157 15.09 0.94 -11.13
C ARG A 157 14.89 0.41 -12.55
N VAL A 158 13.70 -0.11 -12.86
CA VAL A 158 13.44 -0.60 -14.21
C VAL A 158 13.53 0.54 -15.21
N ALA A 159 12.94 1.69 -14.89
CA ALA A 159 13.03 2.83 -15.79
C ALA A 159 14.48 3.22 -16.04
N TYR A 160 15.29 3.23 -14.97
CA TYR A 160 16.69 3.61 -15.11
C TYR A 160 17.45 2.59 -15.96
N VAL A 161 17.29 1.31 -15.65
CA VAL A 161 18.01 0.26 -16.37
C VAL A 161 17.61 0.25 -17.84
N TYR A 162 16.30 0.32 -18.10
CA TYR A 162 15.83 0.35 -19.47
C TYR A 162 16.42 1.53 -20.21
N SER A 163 16.45 2.69 -19.56
CA SER A 163 17.01 3.88 -20.21
C SER A 163 18.48 3.68 -20.58
N ALA A 164 19.26 3.07 -19.67
CA ALA A 164 20.66 2.81 -19.98
C ALA A 164 20.80 1.82 -21.13
N LEU A 165 20.04 0.72 -21.08
CA LEU A 165 20.14 -0.27 -22.15
C LEU A 165 19.74 0.33 -23.49
N CYS A 166 18.71 1.18 -23.51
CA CYS A 166 18.30 1.87 -24.73
C CYS A 166 19.43 2.69 -25.30
N GLU A 167 20.17 3.41 -24.44
CA GLU A 167 21.26 4.23 -24.96
C GLU A 167 22.56 3.45 -25.12
N GLY A 168 22.57 2.16 -24.83
CA GLY A 168 23.75 1.34 -25.03
C GLY A 168 24.83 1.50 -23.99
N THR A 169 24.49 1.99 -22.80
CA THR A 169 25.47 2.13 -21.75
C THR A 169 25.20 1.11 -20.64
N THR A 170 26.21 0.90 -19.82
CA THR A 170 26.08 0.01 -18.68
C THR A 170 25.32 0.72 -17.57
N PRO A 171 24.21 0.17 -17.08
CA PRO A 171 23.53 0.78 -15.93
C PRO A 171 24.46 0.80 -14.73
N ALA A 172 24.48 1.93 -14.02
CA ALA A 172 25.24 2.04 -12.79
C ALA A 172 24.78 0.98 -11.78
N GLU A 173 25.70 0.59 -10.90
CA GLU A 173 25.43 -0.47 -9.92
C GLU A 173 24.16 -0.18 -9.13
N CYS A 174 23.38 -1.24 -8.90
CA CYS A 174 22.19 -1.14 -8.09
C CYS A 174 22.54 -0.89 -6.62
N ASP A 175 21.75 -0.05 -5.96
CA ASP A 175 21.99 0.17 -4.54
C ASP A 175 21.07 -0.65 -3.65
N PHE A 176 20.38 -1.66 -4.20
CA PHE A 176 19.50 -2.50 -3.38
C PHE A 176 20.31 -3.42 -2.46
N GLY A 177 19.85 -3.55 -1.23
CA GLY A 177 20.29 -4.64 -0.38
C GLY A 177 19.47 -5.90 -0.64
N SER A 178 19.89 -6.99 -0.03
CA SER A 178 19.23 -8.29 -0.21
C SER A 178 18.07 -8.46 0.75
N ILE A 179 17.00 -9.11 0.25
CA ILE A 179 15.86 -9.43 1.10
C ILE A 179 16.31 -10.26 2.30
N LEU A 180 17.34 -11.10 2.14
CA LEU A 180 17.76 -11.91 3.27
C LEU A 180 18.26 -11.04 4.41
N GLN A 181 18.87 -9.89 4.11
CA GLN A 181 19.27 -8.98 5.18
C GLN A 181 18.06 -8.33 5.84
N LEU A 182 17.04 -8.01 5.05
CA LEU A 182 15.80 -7.50 5.64
C LEU A 182 15.18 -8.52 6.58
N LEU A 183 15.15 -9.80 6.16
CA LEU A 183 14.56 -10.84 6.99
C LEU A 183 15.37 -11.05 8.25
N GLU A 184 16.70 -11.04 8.13
CA GLU A 184 17.54 -11.22 9.31
C GLU A 184 17.38 -10.07 10.30
N SER A 185 17.26 -8.84 9.79
CA SER A 185 17.03 -7.71 10.68
C SER A 185 15.68 -7.82 11.37
N ASP A 186 14.63 -8.24 10.65
CA ASP A 186 13.34 -8.42 11.29
C ASP A 186 13.38 -9.52 12.35
N ALA A 187 14.06 -10.62 12.05
CA ALA A 187 14.19 -11.70 13.03
C ALA A 187 14.86 -11.20 14.29
N GLN A 188 15.88 -10.34 14.15
CA GLN A 188 16.51 -9.77 15.33
C GLN A 188 15.55 -8.83 16.06
N TYR A 189 14.79 -8.01 15.33
CA TYR A 189 13.86 -7.10 16.00
C TYR A 189 12.84 -7.87 16.82
N GLN A 190 12.40 -9.03 16.32
CA GLN A 190 11.38 -9.77 17.04
C GLN A 190 11.84 -10.19 18.43
N ILE A 191 13.15 -10.28 18.66
CA ILE A 191 13.67 -10.65 19.98
C ILE A 191 14.52 -9.53 20.58
N SER A 192 14.35 -8.30 20.08
CA SER A 192 15.17 -7.17 20.52
C SER A 192 14.54 -6.43 21.70
N ALA A 193 15.35 -5.59 22.37
CA ALA A 193 14.82 -4.68 23.36
C ALA A 193 14.03 -3.53 22.72
N GLN A 194 14.43 -3.13 21.51
CA GLN A 194 13.67 -2.12 20.76
C GLN A 194 12.20 -2.50 20.71
N ARG A 195 11.91 -3.76 20.35
CA ARG A 195 10.52 -4.19 20.24
C ARG A 195 9.81 -4.08 21.58
N ALA A 196 10.50 -4.35 22.68
CA ALA A 196 9.80 -4.31 23.96
C ALA A 196 9.44 -2.88 24.34
N GLN A 197 10.34 -1.93 24.09
CA GLN A 197 9.99 -0.52 24.25
C GLN A 197 8.82 -0.11 23.35
N ASP A 198 8.84 -0.55 22.09
CA ASP A 198 7.75 -0.21 21.18
C ASP A 198 6.42 -0.75 21.69
N GLU A 199 6.41 -2.02 22.09
CA GLU A 199 5.21 -2.64 22.62
C GLU A 199 4.66 -1.87 23.81
N ALA A 200 5.54 -1.52 24.76
CA ALA A 200 5.10 -0.75 25.91
C ALA A 200 4.46 0.57 25.48
N TYR A 201 5.10 1.28 24.54
CA TYR A 201 4.52 2.54 24.07
C TYR A 201 3.10 2.34 23.54
N TRP A 202 2.92 1.36 22.66
CA TRP A 202 1.61 1.20 22.03
C TRP A 202 0.57 0.67 23.01
N LEU A 203 0.96 -0.25 23.88
CA LEU A 203 0.04 -0.72 24.91
C LEU A 203 -0.44 0.45 25.76
N LYS A 204 0.43 1.39 26.09
CA LYS A 204 -0.04 2.57 26.82
C LYS A 204 -0.93 3.43 25.94
N HIS A 205 -0.50 3.69 24.71
CA HIS A 205 -1.19 4.64 23.83
C HIS A 205 -2.62 4.21 23.55
N CYS A 206 -2.88 2.89 23.46
CA CYS A 206 -4.18 2.39 23.04
C CYS A 206 -4.98 1.72 24.15
N ALA A 207 -4.57 1.88 25.41
CA ALA A 207 -5.05 0.98 26.45
C ALA A 207 -6.51 1.17 26.81
N ASN A 208 -7.17 2.21 26.32
CA ASN A 208 -8.60 2.40 26.56
C ASN A 208 -9.23 2.73 25.21
N TRP A 209 -9.75 1.71 24.53
CA TRP A 209 -10.11 1.78 23.12
C TRP A 209 -11.62 1.66 22.93
N SER A 210 -12.13 2.44 21.97
CA SER A 210 -13.52 2.39 21.56
C SER A 210 -13.65 1.52 20.30
N GLU A 211 -14.82 0.95 20.10
CA GLU A 211 -15.10 0.31 18.82
C GLU A 211 -15.02 1.36 17.73
N PRO A 212 -14.39 1.05 16.59
CA PRO A 212 -13.96 2.11 15.67
C PRO A 212 -15.13 2.89 15.09
N ALA A 213 -14.92 4.19 14.93
CA ALA A 213 -15.86 5.03 14.21
C ALA A 213 -15.78 4.73 12.74
N THR A 214 -16.93 4.64 12.09
CA THR A 214 -16.97 4.22 10.70
C THR A 214 -18.26 4.71 10.04
N LEU A 215 -18.17 4.96 8.73
CA LEU A 215 -19.31 5.38 7.94
C LEU A 215 -20.22 4.21 7.57
N ALA A 216 -19.78 2.98 7.77
CA ALA A 216 -20.55 1.82 7.37
C ALA A 216 -21.62 1.49 8.39
N SER A 217 -22.71 0.89 7.91
CA SER A 217 -23.76 0.40 8.79
C SER A 217 -23.41 -0.95 9.41
N ARG A 218 -22.34 -1.58 8.94
CA ARG A 218 -21.92 -2.90 9.42
C ARG A 218 -20.41 -2.99 9.29
N SER A 219 -19.82 -3.89 10.06
CA SER A 219 -18.43 -4.26 9.88
C SER A 219 -18.39 -5.73 9.51
N ALA A 220 -17.50 -6.07 8.58
CA ALA A 220 -17.44 -7.40 8.00
C ALA A 220 -16.02 -7.67 7.55
N PRO A 221 -15.56 -8.93 7.59
CA PRO A 221 -14.28 -9.24 6.96
C PRO A 221 -14.36 -8.86 5.49
N VAL A 222 -13.20 -8.59 4.88
CA VAL A 222 -13.17 -8.27 3.47
C VAL A 222 -12.76 -9.50 2.70
N LEU A 223 -13.63 -9.91 1.79
CA LEU A 223 -13.40 -11.05 0.92
C LEU A 223 -13.24 -10.62 -0.51
N GLN A 224 -13.82 -9.49 -0.87
CA GLN A 224 -13.85 -9.01 -2.23
C GLN A 224 -12.86 -7.87 -2.43
N GLN A 225 -12.41 -7.73 -3.66
CA GLN A 225 -11.57 -6.59 -3.99
C GLN A 225 -12.33 -5.28 -3.79
N ARG A 226 -11.57 -4.23 -3.51
CA ARG A 226 -12.14 -2.96 -3.11
C ARG A 226 -13.10 -2.40 -4.15
N LEU A 227 -14.17 -1.79 -3.65
CA LEU A 227 -14.89 -0.76 -4.40
C LEU A 227 -14.06 0.52 -4.35
N ARG A 228 -13.86 1.14 -5.50
CA ARG A 228 -13.02 2.33 -5.56
C ARG A 228 -13.76 3.50 -6.19
N GLN A 229 -13.65 4.65 -5.54
CA GLN A 229 -14.06 5.93 -6.11
C GLN A 229 -12.81 6.81 -6.18
N THR A 230 -12.53 7.41 -7.33
CA THR A 230 -11.32 8.19 -7.50
C THR A 230 -11.67 9.61 -7.90
N THR A 231 -11.07 10.58 -7.22
CA THR A 231 -11.21 12.00 -7.56
C THR A 231 -9.83 12.63 -7.64
N TYR A 232 -9.61 13.47 -8.65
CA TYR A 232 -8.38 14.23 -8.73
C TYR A 232 -8.63 15.64 -8.22
N LEU A 233 -7.67 16.15 -7.46
CA LEU A 233 -7.85 17.40 -6.72
C LEU A 233 -6.66 18.30 -6.98
N ALA A 234 -6.93 19.56 -7.29
CA ALA A 234 -5.88 20.56 -7.27
C ALA A 234 -5.42 20.79 -5.83
N ILE A 235 -4.12 20.98 -5.64
CA ILE A 235 -3.56 21.08 -4.29
C ILE A 235 -3.97 22.38 -3.60
N GLN A 236 -4.41 23.39 -4.34
CA GLN A 236 -4.87 24.61 -3.69
C GLN A 236 -6.06 24.35 -2.76
N ALA A 237 -6.71 23.19 -2.89
CA ALA A 237 -7.76 22.78 -1.97
C ALA A 237 -7.19 22.42 -0.60
N PRO A 243 2.83 22.60 1.74
CA PRO A 243 2.87 21.42 2.61
C PRO A 243 3.84 20.36 2.11
N ASP A 244 4.37 19.55 3.03
CA ASP A 244 5.16 18.39 2.70
C ASP A 244 4.34 17.14 2.97
N ALA A 245 4.98 15.96 2.88
CA ALA A 245 4.26 14.71 3.11
C ALA A 245 3.71 14.63 4.52
N ARG A 246 4.48 15.06 5.52
CA ARG A 246 4.02 14.94 6.89
C ARG A 246 2.78 15.80 7.14
N ARG A 247 2.80 17.03 6.65
CA ARG A 247 1.65 17.89 6.89
C ARG A 247 0.48 17.50 6.00
N LEU A 248 0.74 16.94 4.81
CA LEU A 248 -0.37 16.40 4.02
C LEU A 248 -1.04 15.26 4.77
N ALA A 249 -0.27 14.41 5.43
CA ALA A 249 -0.85 13.34 6.24
C ALA A 249 -1.59 13.90 7.45
N GLN A 250 -1.01 14.91 8.12
CA GLN A 250 -1.71 15.57 9.22
C GLN A 250 -3.05 16.12 8.76
N PHE A 251 -3.07 16.78 7.61
CA PHE A 251 -4.30 17.33 7.09
C PHE A 251 -5.31 16.24 6.77
N MET A 252 -4.86 15.19 6.07
CA MET A 252 -5.81 14.16 5.65
C MET A 252 -6.38 13.41 6.83
N THR A 253 -5.55 13.11 7.84
CA THR A 253 -6.09 12.42 9.02
C THR A 253 -7.01 13.35 9.79
N ALA A 254 -6.63 14.62 9.98
CA ALA A 254 -7.52 15.55 10.67
C ALA A 254 -8.84 15.68 9.94
N ALA A 255 -8.81 15.78 8.60
CA ALA A 255 -10.03 15.95 7.83
C ALA A 255 -10.91 14.71 7.91
N MET A 256 -10.32 13.52 7.76
CA MET A 256 -11.12 12.29 7.85
C MET A 256 -11.69 12.12 9.24
N ALA A 257 -10.94 12.45 10.28
CA ALA A 257 -11.45 12.31 11.64
C ALA A 257 -12.60 13.29 11.88
N ALA A 258 -12.47 14.52 11.41
CA ALA A 258 -13.55 15.49 11.55
C ALA A 258 -14.79 15.03 10.79
N TYR A 259 -14.61 14.44 9.61
CA TYR A 259 -15.73 13.95 8.82
C TYR A 259 -16.44 12.78 9.52
N LEU A 260 -15.65 11.82 10.02
CA LEU A 260 -16.22 10.74 10.82
C LEU A 260 -17.00 11.26 12.02
N TYR A 261 -16.44 12.26 12.71
CA TYR A 261 -17.12 12.81 13.89
C TYR A 261 -18.42 13.50 13.50
N ARG A 262 -18.41 14.24 12.38
CA ARG A 262 -19.63 14.92 11.94
C ARG A 262 -20.70 13.94 11.49
N PHE A 263 -20.31 12.76 11.02
CA PHE A 263 -21.33 11.81 10.59
C PHE A 263 -21.81 10.89 11.70
N THR A 264 -20.93 10.48 12.61
CA THR A 264 -21.30 9.51 13.64
C THR A 264 -21.38 10.10 15.03
N GLY A 265 -20.86 11.30 15.24
CA GLY A 265 -20.77 11.87 16.58
C GLY A 265 -19.66 11.29 17.43
N GLU A 266 -18.93 10.29 16.94
CA GLU A 266 -17.87 9.68 17.73
C GLU A 266 -16.75 10.68 17.97
N GLN A 267 -16.40 10.89 19.24
CA GLN A 267 -15.40 11.90 19.61
C GLN A 267 -14.01 11.32 19.87
N ASP A 268 -13.89 10.02 20.10
CA ASP A 268 -12.59 9.35 20.15
C ASP A 268 -12.44 8.60 18.83
N VAL A 269 -11.74 9.21 17.88
CA VAL A 269 -11.60 8.67 16.53
C VAL A 269 -10.23 8.03 16.39
N VAL A 270 -10.19 6.73 16.14
CA VAL A 270 -8.92 6.04 15.90
C VAL A 270 -8.88 5.67 14.43
N LEU A 271 -7.87 6.16 13.73
CA LEU A 271 -7.64 5.88 12.33
C LEU A 271 -6.43 4.97 12.17
N GLY A 272 -6.31 4.35 11.02
CA GLY A 272 -5.13 3.58 10.67
C GLY A 272 -4.24 4.46 9.82
N LEU A 273 -2.95 4.47 10.15
CA LEU A 273 -1.96 5.23 9.39
C LEU A 273 -0.91 4.26 8.86
N PRO A 274 -1.02 3.84 7.59
CA PRO A 274 0.05 3.04 6.99
C PRO A 274 1.37 3.81 6.99
N VAL A 275 2.45 3.09 7.32
CA VAL A 275 3.80 3.62 7.39
C VAL A 275 4.74 2.59 6.75
N LYS A 276 5.94 3.08 6.36
CA LYS A 276 6.91 2.31 5.57
C LYS A 276 7.71 1.32 6.39
N VAL A 277 7.99 1.62 7.66
CA VAL A 277 8.89 0.85 8.52
C VAL A 277 10.21 0.60 7.79
N ARG A 278 10.79 1.67 7.25
CA ARG A 278 12.03 1.60 6.48
C ARG A 278 13.04 2.57 7.08
N PHE A 279 13.90 2.05 7.93
CA PHE A 279 14.99 2.83 8.50
C PHE A 279 16.31 2.29 7.97
N GLY A 280 17.25 3.20 7.74
CA GLY A 280 18.60 2.80 7.39
C GLY A 280 18.63 1.93 6.15
N ALA A 281 19.27 0.76 6.27
CA ALA A 281 19.50 -0.10 5.13
C ALA A 281 18.18 -0.54 4.50
N ASP A 282 17.13 -0.68 5.30
CA ASP A 282 15.87 -1.14 4.75
C ASP A 282 15.24 -0.14 3.78
N ARG A 283 15.73 1.10 3.71
CA ARG A 283 15.22 2.03 2.71
C ARG A 283 15.57 1.60 1.29
N HIS A 284 16.49 0.63 1.14
CA HIS A 284 16.97 0.25 -0.17
C HIS A 284 16.73 -1.24 -0.46
N ILE A 285 15.76 -1.86 0.18
CA ILE A 285 15.49 -3.29 0.00
C ILE A 285 14.03 -3.46 -0.41
N PRO A 286 13.77 -3.66 -1.70
CA PRO A 286 12.40 -4.00 -2.11
C PRO A 286 11.93 -5.27 -1.40
N GLY A 287 10.65 -5.27 -1.00
CA GLY A 287 10.08 -6.32 -0.19
C GLY A 287 8.92 -5.75 0.62
N MET A 288 8.40 -6.57 1.53
CA MET A 288 7.26 -6.19 2.36
C MET A 288 7.75 -5.81 3.76
N LYS A 289 7.56 -4.54 4.12
CA LYS A 289 7.96 -4.00 5.42
C LYS A 289 6.86 -3.23 6.13
N SER A 290 5.84 -2.77 5.40
CA SER A 290 4.97 -1.73 5.91
CA SER A 290 4.93 -1.75 5.87
C SER A 290 4.11 -2.23 7.06
N ASN A 291 3.63 -1.26 7.84
CA ASN A 291 2.82 -1.51 9.01
C ASN A 291 1.71 -0.47 8.96
N THR A 292 0.71 -0.62 9.83
CA THR A 292 -0.35 0.38 9.93
C THR A 292 -0.52 0.72 11.40
N LEU A 293 -0.33 2.00 11.75
CA LEU A 293 -0.33 2.45 13.15
C LEU A 293 -1.71 2.95 13.58
N PRO A 294 -2.15 2.70 14.80
CA PRO A 294 -3.34 3.39 15.30
C PRO A 294 -3.00 4.85 15.62
N LEU A 295 -3.77 5.76 15.04
CA LEU A 295 -3.62 7.19 15.31
C LEU A 295 -4.91 7.70 15.94
N ARG A 296 -4.81 8.23 17.16
CA ARG A 296 -5.98 8.66 17.92
C ARG A 296 -6.14 10.17 17.83
N LEU A 297 -7.33 10.63 17.48
CA LEU A 297 -7.68 12.04 17.49
C LEU A 297 -8.94 12.20 18.32
N THR A 298 -8.88 13.08 19.32
CA THR A 298 -9.99 13.33 20.23
C THR A 298 -10.76 14.54 19.73
N MET A 299 -12.00 14.33 19.31
CA MET A 299 -12.86 15.43 18.91
C MET A 299 -13.27 16.20 20.16
N ARG A 300 -12.71 17.38 20.36
CA ARG A 300 -13.08 18.18 21.51
C ARG A 300 -14.21 19.12 21.16
N PRO A 301 -14.91 19.65 22.17
CA PRO A 301 -15.83 20.77 21.91
C PRO A 301 -15.10 21.94 21.27
N GLY A 302 -15.61 22.37 20.13
CA GLY A 302 -15.24 23.60 19.46
C GLY A 302 -14.01 23.56 18.58
N MET A 303 -13.32 22.43 18.49
CA MET A 303 -12.03 22.41 17.80
C MET A 303 -12.20 22.75 16.32
N ASN A 304 -11.16 23.34 15.77
CA ASN A 304 -11.09 23.70 14.36
C ASN A 304 -10.06 22.81 13.69
N LEU A 305 -9.74 23.11 12.43
CA LEU A 305 -8.76 22.30 11.70
C LEU A 305 -7.39 22.39 12.36
N SER A 306 -7.02 23.56 12.86
CA SER A 306 -5.68 23.77 13.40
C SER A 306 -5.44 22.88 14.62
N SER A 307 -6.41 22.83 15.54
CA SER A 307 -6.25 21.99 16.72
C SER A 307 -6.16 20.51 16.35
N LEU A 308 -6.93 20.10 15.34
CA LEU A 308 -6.91 18.71 14.92
C LEU A 308 -5.56 18.35 14.31
N MET A 309 -5.02 19.21 13.46
CA MET A 309 -3.71 18.95 12.88
C MET A 309 -2.62 19.05 13.92
N GLN A 310 -2.80 19.89 14.94
CA GLN A 310 -1.92 19.88 16.10
C GLN A 310 -1.87 18.50 16.73
N GLN A 311 -3.05 17.94 17.00
CA GLN A 311 -3.14 16.60 17.57
C GLN A 311 -2.48 15.56 16.68
N ALA A 312 -2.75 15.61 15.38
CA ALA A 312 -2.19 14.60 14.48
C ALA A 312 -0.67 14.71 14.42
N ALA A 313 -0.16 15.95 14.36
CA ALA A 313 1.28 16.15 14.36
C ALA A 313 1.91 15.59 15.63
N GLN A 314 1.25 15.80 16.78
CA GLN A 314 1.76 15.25 18.03
C GLN A 314 1.73 13.72 18.01
N GLU A 315 0.64 13.13 17.52
CA GLU A 315 0.56 11.67 17.42
C GLU A 315 1.70 11.11 16.60
N MET A 316 1.98 11.73 15.45
CA MET A 316 3.04 11.22 14.59
C MET A 316 4.41 11.44 15.23
N GLN A 317 4.65 12.61 15.81
CA GLN A 317 5.94 12.85 16.45
C GLN A 317 6.17 11.90 17.63
N SER A 318 5.09 11.50 18.32
CA SER A 318 5.25 10.60 19.45
C SER A 318 5.41 9.15 19.02
N GLY A 319 4.73 8.76 17.95
CA GLY A 319 4.61 7.34 17.63
C GLY A 319 5.42 6.83 16.46
N LEU A 320 5.90 7.69 15.56
CA LEU A 320 6.58 7.18 14.38
C LEU A 320 7.88 6.44 14.75
N ARG A 321 8.55 6.85 15.82
CA ARG A 321 9.75 6.14 16.26
C ARG A 321 9.46 4.70 16.67
N HIS A 322 8.21 4.41 17.05
CA HIS A 322 7.82 3.08 17.48
C HIS A 322 7.09 2.31 16.38
N GLN A 323 7.23 2.74 15.12
CA GLN A 323 6.39 2.19 14.07
C GLN A 323 6.70 0.75 13.71
N ARG A 324 7.76 0.16 14.25
CA ARG A 324 8.10 -1.22 13.90
C ARG A 324 7.14 -2.24 14.47
N TYR A 325 6.39 -1.86 15.50
CA TYR A 325 5.61 -2.83 16.25
C TYR A 325 4.32 -3.17 15.51
N PRO A 326 4.12 -4.42 15.11
CA PRO A 326 2.98 -4.74 14.23
C PRO A 326 1.64 -4.50 14.92
N SER A 327 0.72 -3.88 14.19
CA SER A 327 -0.56 -3.55 14.81
C SER A 327 -1.38 -4.80 15.14
N GLU A 328 -1.17 -5.89 14.41
CA GLU A 328 -1.86 -7.14 14.74
C GLU A 328 -1.35 -7.72 16.06
N ALA A 329 -0.02 -7.65 16.27
CA ALA A 329 0.53 -8.04 17.57
C ALA A 329 -0.02 -7.16 18.67
N LEU A 330 -0.15 -5.86 18.40
CA LEU A 330 -0.75 -4.94 19.35
C LEU A 330 -2.17 -5.38 19.73
N ARG A 331 -2.99 -5.72 18.73
CA ARG A 331 -4.34 -6.19 19.04
C ARG A 331 -4.31 -7.41 19.95
N ARG A 332 -3.42 -8.37 19.66
CA ARG A 332 -3.37 -9.57 20.50
C ARG A 332 -2.93 -9.23 21.92
N GLN A 333 -1.93 -8.37 22.06
CA GLN A 333 -1.40 -8.05 23.38
C GLN A 333 -2.41 -7.29 24.22
N LEU A 334 -3.26 -6.47 23.58
CA LEU A 334 -4.32 -5.74 24.27
C LEU A 334 -5.45 -6.66 24.73
N GLY A 335 -5.45 -7.92 24.31
CA GLY A 335 -6.56 -8.79 24.65
C GLY A 335 -7.85 -8.41 23.95
N MET A 336 -7.77 -8.01 22.69
CA MET A 336 -8.99 -7.63 22.01
C MET A 336 -9.73 -8.86 21.52
N PRO A 337 -11.07 -8.80 21.48
CA PRO A 337 -11.84 -9.95 20.97
C PRO A 337 -11.50 -10.23 19.52
N SER A 338 -11.65 -11.49 19.13
CA SER A 338 -11.37 -11.90 17.77
C SER A 338 -12.23 -11.13 16.78
N GLY A 339 -11.61 -10.67 15.71
CA GLY A 339 -12.29 -9.90 14.68
C GLY A 339 -12.40 -8.41 14.96
N GLN A 340 -12.37 -8.02 16.23
CA GLN A 340 -12.46 -6.60 16.57
C GLN A 340 -11.19 -5.87 16.14
N ARG A 341 -11.37 -4.68 15.56
CA ARG A 341 -10.27 -3.90 15.01
C ARG A 341 -9.99 -2.69 15.88
N LEU A 342 -8.75 -2.20 15.82
CA LEU A 342 -8.38 -0.96 16.49
C LEU A 342 -8.86 0.26 15.72
N PHE A 343 -9.01 0.12 14.41
CA PHE A 343 -9.46 1.20 13.55
C PHE A 343 -10.24 0.58 12.39
N GLY A 344 -11.18 1.35 11.85
CA GLY A 344 -11.88 0.91 10.66
C GLY A 344 -11.43 1.65 9.42
N THR A 345 -11.20 2.94 9.57
CA THR A 345 -10.82 3.79 8.44
C THR A 345 -9.32 4.02 8.48
N THR A 346 -8.66 3.79 7.35
CA THR A 346 -7.22 4.02 7.23
C THR A 346 -6.95 5.18 6.29
N VAL A 347 -5.90 5.92 6.58
CA VAL A 347 -5.52 7.09 5.80
C VAL A 347 -4.12 6.80 5.28
N ASN A 348 -4.04 6.37 4.04
CA ASN A 348 -2.83 5.86 3.42
C ASN A 348 -2.28 6.95 2.49
N VAL A 349 -1.30 7.70 2.97
CA VAL A 349 -0.71 8.79 2.21
C VAL A 349 0.57 8.26 1.58
N MET A 350 0.65 8.33 0.25
CA MET A 350 1.75 7.79 -0.52
C MET A 350 2.44 8.94 -1.25
N PRO A 351 3.42 9.59 -0.61
CA PRO A 351 4.15 10.72 -1.20
C PRO A 351 5.29 10.23 -2.06
N PHE A 352 5.00 9.31 -2.97
CA PHE A 352 5.99 8.70 -3.82
C PHE A 352 5.87 9.34 -5.21
N ASP A 353 7.01 9.77 -5.76
CA ASP A 353 7.05 10.32 -7.12
C ASP A 353 6.33 9.42 -8.10
N LEU A 354 5.34 9.98 -8.80
CA LEU A 354 4.56 9.22 -9.78
C LEU A 354 5.18 9.25 -11.17
N ASP A 355 6.18 10.09 -11.41
CA ASP A 355 6.76 10.24 -12.74
C ASP A 355 7.97 9.33 -12.91
N LEU A 356 8.17 8.88 -14.15
CA LEU A 356 9.35 8.11 -14.55
C LEU A 356 9.75 8.50 -15.97
N SER A 357 10.95 8.10 -16.37
CA SER A 357 11.45 8.33 -17.72
C SER A 357 11.99 7.02 -18.29
N PHE A 358 11.49 6.60 -19.45
CA PHE A 358 11.88 5.35 -20.10
C PHE A 358 12.48 5.67 -21.47
N GLY A 359 13.80 5.55 -21.58
CA GLY A 359 14.43 5.81 -22.86
C GLY A 359 14.12 7.21 -23.38
N GLY A 360 14.08 8.19 -22.49
CA GLY A 360 13.82 9.56 -22.86
C GLY A 360 12.35 9.88 -23.02
N TYR A 361 11.46 8.93 -22.75
CA TYR A 361 10.03 9.15 -22.86
C TYR A 361 9.39 9.27 -21.47
N SER A 362 8.48 10.22 -21.34
CA SER A 362 7.82 10.48 -20.07
CA SER A 362 7.83 10.48 -20.07
C SER A 362 6.84 9.37 -19.73
N ALA A 363 6.70 9.12 -18.44
CA ALA A 363 5.81 8.05 -17.96
C ALA A 363 5.22 8.43 -16.62
N THR A 364 4.04 7.88 -16.33
CA THR A 364 3.38 8.13 -15.05
C THR A 364 2.77 6.85 -14.50
N ASN A 365 2.74 6.74 -13.18
CA ASN A 365 2.26 5.57 -12.44
C ASN A 365 0.81 5.75 -12.00
N HIS A 366 0.06 4.64 -11.99
CA HIS A 366 -1.36 4.67 -11.69
C HIS A 366 -1.72 3.41 -10.92
N ASN A 367 -2.21 3.57 -9.70
CA ASN A 367 -2.51 2.40 -8.90
C ASN A 367 -3.75 1.71 -9.42
N LEU A 368 -3.74 0.38 -9.33
CA LEU A 368 -4.90 -0.46 -9.57
C LEU A 368 -5.41 -1.12 -8.30
N LEU A 369 -4.54 -1.76 -7.52
CA LEU A 369 -4.93 -2.35 -6.25
C LEU A 369 -3.94 -1.90 -5.19
N ASN A 370 -4.47 -1.63 -4.01
CA ASN A 370 -3.65 -1.14 -2.91
C ASN A 370 -3.88 -2.00 -1.67
N GLY A 371 -4.17 -3.29 -1.87
CA GLY A 371 -4.38 -4.21 -0.77
C GLY A 371 -5.81 -4.27 -0.29
N PRO A 372 -6.05 -5.06 0.75
CA PRO A 372 -7.43 -5.26 1.23
C PRO A 372 -8.04 -4.02 1.84
N ALA A 373 -9.33 -3.82 1.57
CA ALA A 373 -10.13 -2.73 2.16
C ALA A 373 -11.05 -3.33 3.22
N GLU A 374 -10.59 -3.37 4.47
CA GLU A 374 -11.39 -3.97 5.54
C GLU A 374 -12.68 -3.19 5.75
N ASP A 375 -12.61 -1.87 5.71
CA ASP A 375 -13.77 -1.00 5.87
C ASP A 375 -13.63 0.11 4.83
N LEU A 376 -12.92 1.17 5.17
CA LEU A 376 -12.69 2.27 4.25
C LEU A 376 -11.23 2.68 4.36
N MET A 377 -10.59 2.87 3.21
CA MET A 377 -9.22 3.36 3.12
C MET A 377 -9.20 4.57 2.21
N LEU A 378 -8.71 5.68 2.72
CA LEU A 378 -8.46 6.86 1.92
C LEU A 378 -7.03 6.76 1.41
N GLY A 379 -6.87 6.55 0.10
CA GLY A 379 -5.56 6.50 -0.53
C GLY A 379 -5.27 7.84 -1.16
N VAL A 380 -4.11 8.41 -0.83
CA VAL A 380 -3.75 9.73 -1.34
C VAL A 380 -2.42 9.60 -2.08
N TYR A 381 -2.42 9.84 -3.40
CA TYR A 381 -1.21 9.75 -4.21
C TYR A 381 -0.78 11.15 -4.59
N TRP A 382 0.46 11.50 -4.24
CA TRP A 382 0.97 12.85 -4.43
C TRP A 382 2.45 12.76 -4.77
N THR A 383 2.81 13.21 -5.96
CA THR A 383 4.22 13.48 -6.25
C THR A 383 4.64 14.69 -5.42
N PRO A 384 5.62 14.56 -4.53
CA PRO A 384 6.01 15.71 -3.70
C PRO A 384 6.37 16.90 -4.59
N GLY A 385 5.80 18.05 -4.25
CA GLY A 385 5.97 19.27 -5.01
C GLY A 385 4.90 19.52 -6.05
N SER A 386 4.19 18.50 -6.50
CA SER A 386 3.19 18.68 -7.53
C SER A 386 2.00 19.47 -7.00
N HIS A 387 1.21 19.99 -7.94
CA HIS A 387 0.03 20.76 -7.63
C HIS A 387 -1.25 19.94 -7.75
N GLN A 388 -1.13 18.62 -7.62
CA GLN A 388 -2.22 17.72 -7.91
C GLN A 388 -2.16 16.53 -6.97
N LEU A 389 -3.33 16.08 -6.52
CA LEU A 389 -3.49 14.90 -5.70
C LEU A 389 -4.44 13.95 -6.41
N ARG A 390 -4.21 12.65 -6.24
CA ARG A 390 -5.24 11.66 -6.54
C ARG A 390 -5.77 11.15 -5.21
N ILE A 391 -7.07 11.19 -5.02
CA ILE A 391 -7.71 10.70 -3.81
C ILE A 391 -8.59 9.50 -4.17
N ASP A 392 -8.27 8.34 -3.62
CA ASP A 392 -9.09 7.14 -3.73
C ASP A 392 -9.85 6.94 -2.43
N PHE A 393 -11.12 6.57 -2.56
CA PHE A 393 -11.84 5.90 -1.48
C PHE A 393 -11.91 4.42 -1.89
N ASP A 394 -11.22 3.57 -1.14
CA ASP A 394 -11.24 2.12 -1.32
C ASP A 394 -12.07 1.51 -0.19
N ALA A 395 -13.11 0.75 -0.51
CA ALA A 395 -14.03 0.31 0.51
C ALA A 395 -14.37 -1.16 0.36
N ASN A 396 -14.74 -1.78 1.47
CA ASN A 396 -15.21 -3.15 1.48
C ASN A 396 -16.57 -3.23 0.82
N PRO A 397 -16.74 -3.98 -0.27
CA PRO A 397 -18.06 -4.05 -0.93
C PRO A 397 -19.16 -4.57 -0.04
N ALA A 398 -18.83 -5.33 1.00
CA ALA A 398 -19.85 -5.78 1.92
C ALA A 398 -20.41 -4.64 2.78
N CYS A 399 -19.77 -3.47 2.75
CA CYS A 399 -20.06 -2.38 3.68
C CYS A 399 -20.55 -1.11 3.01
N TYR A 400 -20.32 -0.95 1.71
CA TYR A 400 -20.65 0.28 1.00
C TYR A 400 -21.19 -0.07 -0.38
N THR A 401 -21.88 0.89 -0.98
CA THR A 401 -22.25 0.81 -2.38
C THR A 401 -21.42 1.79 -3.21
N PRO A 402 -21.26 1.54 -4.52
CA PRO A 402 -20.56 2.52 -5.37
C PRO A 402 -21.12 3.93 -5.26
N GLU A 403 -22.45 4.08 -5.27
CA GLU A 403 -23.04 5.41 -5.25
C GLU A 403 -22.96 6.02 -3.86
N GLY A 404 -23.20 5.24 -2.80
CA GLY A 404 -23.02 5.76 -1.46
C GLY A 404 -21.57 6.16 -1.20
N LEU A 405 -20.64 5.36 -1.72
CA LEU A 405 -19.23 5.71 -1.57
C LEU A 405 -18.91 6.99 -2.33
N GLY A 406 -19.45 7.12 -3.55
CA GLY A 406 -19.21 8.33 -4.32
C GLY A 406 -19.81 9.56 -3.65
N ALA A 407 -20.98 9.39 -3.01
CA ALA A 407 -21.58 10.51 -2.30
C ALA A 407 -20.74 10.91 -1.10
N HIS A 408 -20.23 9.91 -0.36
CA HIS A 408 -19.30 10.21 0.72
C HIS A 408 -18.06 10.93 0.21
N GLN A 409 -17.51 10.49 -0.92
CA GLN A 409 -16.29 11.10 -1.42
C GLN A 409 -16.53 12.54 -1.87
N ARG A 410 -17.64 12.80 -2.56
CA ARG A 410 -17.95 14.18 -2.95
C ARG A 410 -18.17 15.06 -1.73
N ARG A 411 -18.92 14.56 -0.76
CA ARG A 411 -19.12 15.32 0.48
C ARG A 411 -17.79 15.57 1.17
N PHE A 412 -16.92 14.55 1.23
CA PHE A 412 -15.67 14.69 1.94
C PHE A 412 -14.75 15.67 1.24
N ILE A 413 -14.70 15.64 -0.09
CA ILE A 413 -13.83 16.57 -0.81
C ILE A 413 -14.28 18.00 -0.57
N ARG A 414 -15.59 18.25 -0.68
CA ARG A 414 -16.10 19.59 -0.40
C ARG A 414 -15.83 20.01 1.04
N PHE A 415 -16.03 19.08 1.98
CA PHE A 415 -15.81 19.37 3.40
C PHE A 415 -14.35 19.71 3.65
N MET A 416 -13.44 18.96 3.05
CA MET A 416 -12.02 19.19 3.27
C MET A 416 -11.58 20.50 2.64
N GLN A 417 -12.20 20.90 1.53
CA GLN A 417 -11.88 22.20 0.96
C GLN A 417 -12.37 23.34 1.85
N VAL A 418 -13.57 23.20 2.44
CA VAL A 418 -14.05 24.25 3.34
C VAL A 418 -13.19 24.29 4.61
N LEU A 419 -12.73 23.14 5.08
CA LEU A 419 -11.81 23.10 6.22
C LEU A 419 -10.53 23.87 5.91
N ALA A 420 -9.90 23.56 4.77
CA ALA A 420 -8.66 24.23 4.40
C ALA A 420 -8.88 25.71 4.11
N ALA A 421 -10.11 26.11 3.76
CA ALA A 421 -10.38 27.52 3.47
C ALA A 421 -10.24 28.39 4.72
N ASP A 422 -10.62 27.86 5.88
CA ASP A 422 -10.56 28.60 7.15
C ASP A 422 -10.19 27.60 8.24
N ALA A 423 -8.92 27.56 8.61
CA ALA A 423 -8.43 26.61 9.60
C ALA A 423 -8.82 26.95 11.04
N THR A 424 -9.43 28.11 11.27
CA THR A 424 -9.83 28.49 12.62
C THR A 424 -11.32 28.25 12.88
N GLN A 425 -12.06 27.79 11.90
CA GLN A 425 -13.50 27.68 11.99
C GLN A 425 -13.89 26.35 12.64
N PRO A 426 -14.82 26.33 13.58
CA PRO A 426 -15.21 25.08 14.24
C PRO A 426 -15.78 24.07 13.26
N ILE A 427 -15.31 22.82 13.34
CA ILE A 427 -15.79 21.80 12.41
C ILE A 427 -17.27 21.54 12.61
N ASP A 428 -17.79 21.78 13.81
CA ASP A 428 -19.23 21.67 14.02
C ASP A 428 -20.00 22.74 13.27
N SER A 429 -19.35 23.83 12.93
CA SER A 429 -19.98 24.97 12.26
C SER A 429 -20.02 24.85 10.74
N ILE A 430 -19.57 23.75 10.17
CA ILE A 430 -19.45 23.61 8.72
C ILE A 430 -20.64 22.85 8.18
N ASP A 431 -21.29 23.40 7.15
CA ASP A 431 -22.36 22.70 6.47
C ASP A 431 -21.79 21.63 5.55
N LEU A 432 -22.45 20.48 5.50
CA LEU A 432 -22.02 19.39 4.64
C LEU A 432 -22.83 19.43 3.33
N LEU A 433 -22.65 18.40 2.51
CA LEU A 433 -23.36 18.30 1.24
C LEU A 433 -24.62 17.44 1.31
N ASP A 434 -24.62 16.44 2.19
CA ASP A 434 -25.77 15.56 2.40
C ASP A 434 -26.26 14.94 1.09
N1A CO8 B . 15.78 7.41 11.58
C2A CO8 B . 14.83 8.33 11.26
N3A CO8 B . 13.72 8.44 12.04
C4A CO8 B . 13.56 7.64 13.13
C5A CO8 B . 14.50 6.74 13.43
C6A CO8 B . 15.63 6.63 12.64
N6A CO8 B . 16.80 5.79 12.69
N7A CO8 B . 14.11 6.08 14.54
C8A CO8 B . 12.93 6.59 14.91
N9A CO8 B . 12.58 7.55 14.04
C1B CO8 B . 11.41 8.35 14.07
C2B CO8 B . 11.72 9.64 14.26
O2B CO8 B . 11.06 10.15 15.49
C3B CO8 B . 11.20 10.38 13.01
O3B CO8 B . 10.69 11.57 13.31
P3B CO8 B . 11.66 12.90 13.06
O7A CO8 B . 12.61 13.06 14.23
O8A CO8 B . 10.80 14.13 12.92
O9A CO8 B . 12.47 12.70 11.80
C4B CO8 B . 10.08 9.41 12.44
O4B CO8 B . 10.55 8.22 12.67
C5B CO8 B . 9.88 9.53 10.93
O5B CO8 B . 9.43 8.26 10.49
P1A CO8 B . 9.00 8.13 8.90
O1A CO8 B . 8.39 6.77 8.63
O2A CO8 B . 10.23 8.43 8.07
O3A CO8 B . 7.88 9.33 8.73
P2A CO8 B . 7.59 10.19 7.35
O4A CO8 B . 8.13 9.49 6.11
O5A CO8 B . 8.21 11.55 7.52
O6A CO8 B . 5.95 10.37 7.27
CBP CO8 B . 3.79 9.67 6.63
CCP CO8 B . 5.20 9.21 7.03
CDP CO8 B . 3.86 10.54 5.35
CEP CO8 B . 3.17 10.49 7.77
CAP CO8 B . 2.92 8.41 6.44
OAP CO8 B . 1.75 8.78 5.80
C9P CO8 B . 3.60 7.31 5.61
O9P CO8 B . 4.42 6.58 6.06
N8P CO8 B . 3.17 7.12 4.23
C7P CO8 B . 3.75 6.04 3.44
C6P CO8 B . 2.65 4.96 3.50
C5P CO8 B . 2.94 3.71 2.63
O5P CO8 B . 4.04 3.22 2.52
N4P CO8 B . 1.79 3.11 1.98
C3P CO8 B . 1.92 1.90 1.16
C2P CO8 B . 1.85 0.75 2.20
S1P CO8 B . 1.83 -0.89 1.38
C1' CO8 B . 0.19 -1.18 0.58
O1' CO8 B . -0.58 -1.94 1.06
C2' CO8 B . -0.17 -0.42 -0.72
C3' CO8 B . 0.69 -0.97 -1.88
C4' CO8 B . 0.76 0.07 -3.03
C5' CO8 B . 0.52 -0.59 -4.40
C6' CO8 B . 1.75 -0.34 -5.31
C7' CO8 B . 1.42 -0.78 -6.75
C8' CO8 B . 1.97 -2.18 -7.03
C TRS C . 20.67 4.76 -9.29
C1 TRS C . 19.65 4.14 -10.23
C2 TRS C . 21.58 3.68 -8.72
C3 TRS C . 21.49 5.79 -10.11
N TRS C . 19.95 5.41 -8.20
O1 TRS C . 19.08 3.03 -9.60
O2 TRS C . 22.40 3.17 -9.74
O3 TRS C . 22.32 6.55 -9.28
#